data_8WZ9
#
_entry.id   8WZ9
#
_cell.length_a   130.820
_cell.length_b   130.820
_cell.length_c   117.118
_cell.angle_alpha   90.000
_cell.angle_beta   90.000
_cell.angle_gamma   120.000
#
_symmetry.space_group_name_H-M   'P 62 2 2'
#
loop_
_entity.id
_entity.type
_entity.pdbx_description
1 polymer Adenosylhomocysteinase
2 non-polymer NICOTINAMIDE-ADENINE-DINUCLEOTIDE
3 non-polymer ADENINE
4 non-polymer 'SULFATE ION'
5 water water
#
_entity_poly.entity_id   1
_entity_poly.type   'polypeptide(L)'
_entity_poly.pdbx_seq_one_letter_code
;MGHHHHHHHHQDYKVAEISLADWGRKEIAIAETEMPGLMALREEFSAKKPLQGARIAGCLHMTIQTAVLIETLVALGAEV
RWSSCNIFSTQDHAASAIAAKGIPVFAWKGETEEEYWWCVEQTLSGPNGWTPNLLLDDGGDLTQVVHQKHPKLLTAIKGV
SEETTTGVARLYEMAKHGQLKIPAINVNNAVTKSKFDNLYGCRESLLDGLKRATDVMIAGKVALILGYGDVGKGCAQALR
GQGATVLVAEIDPICALQAAMEGYRVVTLDDVAEQVDIVVTATGNYHVVTHDHMKRMRNQAILCNIGHFDSEIDIQSLKQ
YQWENIKPQVDHVIFPDGKRIIILAEGRLVNLGCATGHPSFVMSASFTNQVLAQIELFQNSSQYQNQVYVLPKVLDEKVA
RLHLGRIGAKLTQLSNEQADYIGVDKNGPYKPDHYRY
;
_entity_poly.pdbx_strand_id   A
#
loop_
_chem_comp.id
_chem_comp.type
_chem_comp.name
_chem_comp.formula
ADE non-polymer ADENINE 'C5 H5 N5'
NAD non-polymer NICOTINAMIDE-ADENINE-DINUCLEOTIDE 'C21 H27 N7 O14 P2'
SO4 non-polymer 'SULFATE ION' 'O4 S -2'
#
# COMPACT_ATOMS: atom_id res chain seq x y z
N GLN A 11 -11.01 18.38 20.88
CA GLN A 11 -10.72 17.92 19.53
C GLN A 11 -10.16 16.51 19.54
N ASP A 12 -11.00 15.55 19.13
CA ASP A 12 -10.62 14.14 19.09
C ASP A 12 -9.97 13.81 17.75
N TYR A 13 -8.86 14.49 17.49
CA TYR A 13 -8.07 14.30 16.27
C TYR A 13 -6.75 15.00 16.47
N LYS A 14 -5.81 14.76 15.55
CA LYS A 14 -4.58 15.54 15.52
C LYS A 14 -4.09 15.58 14.08
N VAL A 15 -4.08 16.77 13.49
CA VAL A 15 -3.63 16.98 12.11
C VAL A 15 -2.76 18.23 12.08
N ALA A 16 -2.08 18.42 10.95
CA ALA A 16 -1.15 19.54 10.83
C ALA A 16 -1.88 20.89 10.79
N GLU A 17 -2.93 21.00 9.98
CA GLU A 17 -3.58 22.29 9.77
C GLU A 17 -5.01 22.05 9.28
N ILE A 18 -5.98 22.26 10.18
CA ILE A 18 -7.37 21.97 9.87
C ILE A 18 -7.90 22.84 8.73
N SER A 19 -7.31 24.02 8.50
CA SER A 19 -7.78 24.90 7.44
C SER A 19 -7.52 24.37 6.04
N LEU A 20 -6.76 23.28 5.92
CA LEU A 20 -6.58 22.65 4.61
C LEU A 20 -7.78 21.82 4.19
N ALA A 21 -8.83 21.76 5.02
CA ALA A 21 -9.92 20.82 4.77
C ALA A 21 -10.66 21.13 3.48
N ASP A 22 -10.81 22.41 3.13
CA ASP A 22 -11.55 22.75 1.92
C ASP A 22 -10.85 22.24 0.67
N TRP A 23 -9.53 22.42 0.61
CA TRP A 23 -8.74 21.83 -0.45
C TRP A 23 -8.92 20.31 -0.49
N GLY A 24 -8.89 19.67 0.68
CA GLY A 24 -9.08 18.22 0.72
C GLY A 24 -10.44 17.81 0.18
N ARG A 25 -11.50 18.53 0.57
CA ARG A 25 -12.82 18.22 0.06
C ARG A 25 -12.88 18.36 -1.46
N LYS A 26 -12.23 19.38 -2.00
CA LYS A 26 -12.26 19.56 -3.46
C LYS A 26 -11.61 18.37 -4.17
N GLU A 27 -10.48 17.89 -3.66
CA GLU A 27 -9.83 16.76 -4.31
C GLU A 27 -10.53 15.44 -4.01
N ILE A 28 -11.19 15.33 -2.87
CA ILE A 28 -12.02 14.16 -2.61
C ILE A 28 -13.18 14.08 -3.61
N ALA A 29 -13.79 15.23 -3.92
CA ALA A 29 -14.89 15.23 -4.89
C ALA A 29 -14.43 14.72 -6.25
N ILE A 30 -13.23 15.12 -6.68
CA ILE A 30 -12.68 14.62 -7.93
C ILE A 30 -12.40 13.13 -7.84
N ALA A 31 -11.80 12.70 -6.72
CA ALA A 31 -11.42 11.30 -6.57
C ALA A 31 -12.65 10.38 -6.60
N GLU A 32 -13.77 10.82 -6.03
CA GLU A 32 -14.98 10.02 -6.08
C GLU A 32 -15.34 9.65 -7.52
N THR A 33 -15.14 10.57 -8.47
CA THR A 33 -15.48 10.27 -9.85
C THR A 33 -14.52 9.29 -10.49
N GLU A 34 -13.37 9.03 -9.87
CA GLU A 34 -12.39 8.05 -10.33
C GLU A 34 -12.46 6.75 -9.56
N MET A 35 -13.38 6.62 -8.59
CA MET A 35 -13.40 5.47 -7.68
C MET A 35 -14.77 4.82 -7.71
N PRO A 36 -15.15 4.24 -8.85
CA PRO A 36 -16.52 3.73 -8.98
C PRO A 36 -16.82 2.53 -8.09
N GLY A 37 -15.82 1.76 -7.69
CA GLY A 37 -16.08 0.65 -6.80
C GLY A 37 -16.59 1.11 -5.44
N LEU A 38 -15.91 2.10 -4.87
CA LEU A 38 -16.34 2.62 -3.58
C LEU A 38 -17.70 3.30 -3.70
N MET A 39 -17.92 4.05 -4.78
CA MET A 39 -19.20 4.72 -4.92
C MET A 39 -20.33 3.72 -5.14
N ALA A 40 -20.03 2.62 -5.84
CA ALA A 40 -21.04 1.58 -6.03
C ALA A 40 -21.40 0.90 -4.72
N LEU A 41 -20.41 0.71 -3.84
CA LEU A 41 -20.72 0.12 -2.53
C LEU A 41 -21.59 1.07 -1.71
N ARG A 42 -21.34 2.38 -1.79
CA ARG A 42 -22.24 3.33 -1.15
C ARG A 42 -23.65 3.20 -1.69
N GLU A 43 -23.78 3.13 -3.02
CA GLU A 43 -25.11 3.02 -3.62
C GLU A 43 -25.81 1.73 -3.19
N GLU A 44 -25.06 0.63 -3.10
CA GLU A 44 -25.65 -0.65 -2.75
C GLU A 44 -25.98 -0.76 -1.26
N PHE A 45 -25.14 -0.19 -0.40
CA PHE A 45 -25.19 -0.53 1.02
C PHE A 45 -25.46 0.62 1.98
N SER A 46 -25.46 1.88 1.54
CA SER A 46 -25.53 2.98 2.51
C SER A 46 -26.87 3.02 3.23
N ALA A 47 -27.94 2.52 2.61
CA ALA A 47 -29.24 2.52 3.27
C ALA A 47 -29.36 1.38 4.27
N LYS A 48 -28.87 0.18 3.91
CA LYS A 48 -28.95 -0.96 4.80
C LYS A 48 -27.94 -0.89 5.94
N LYS A 49 -26.88 -0.11 5.76
CA LYS A 49 -25.82 0.08 6.75
C LYS A 49 -25.31 -1.24 7.33
N PRO A 50 -24.66 -2.07 6.52
CA PRO A 50 -24.17 -3.36 7.03
C PRO A 50 -23.06 -3.24 8.07
N LEU A 51 -22.42 -2.07 8.20
CA LEU A 51 -21.37 -1.88 9.19
C LEU A 51 -21.84 -1.08 10.40
N GLN A 52 -23.16 -0.90 10.56
CA GLN A 52 -23.69 -0.33 11.79
C GLN A 52 -23.32 -1.21 12.97
N GLY A 53 -22.58 -0.65 13.93
CA GLY A 53 -22.04 -1.41 15.02
C GLY A 53 -20.58 -1.80 14.84
N ALA A 54 -20.01 -1.55 13.66
CA ALA A 54 -18.60 -1.79 13.44
C ALA A 54 -17.79 -0.63 14.01
N ARG A 55 -16.70 -0.96 14.68
CA ARG A 55 -15.80 0.03 15.28
C ARG A 55 -14.41 -0.30 14.76
N ILE A 56 -13.95 0.43 13.76
CA ILE A 56 -12.78 0.04 12.99
C ILE A 56 -11.60 0.92 13.39
N ALA A 57 -10.54 0.29 13.89
CA ALA A 57 -9.23 0.92 14.01
C ALA A 57 -8.49 0.73 12.70
N GLY A 58 -8.10 1.83 12.06
CA GLY A 58 -7.45 1.78 10.76
C GLY A 58 -6.05 2.38 10.80
N CYS A 59 -5.12 1.70 10.10
CA CYS A 59 -3.73 2.15 9.99
C CYS A 59 -3.34 1.98 8.52
N LEU A 60 -3.47 3.07 7.77
CA LEU A 60 -3.30 3.03 6.32
C LEU A 60 -3.09 4.44 5.83
N HIS A 61 -2.07 4.63 4.97
CA HIS A 61 -1.68 5.93 4.41
C HIS A 61 -2.83 6.92 4.27
N MET A 62 -2.75 8.06 4.96
CA MET A 62 -3.88 8.98 5.05
C MET A 62 -3.86 9.92 3.84
N THR A 63 -4.22 9.37 2.69
CA THR A 63 -4.25 10.07 1.42
C THR A 63 -5.69 10.48 1.07
N ILE A 64 -5.82 11.23 -0.03
CA ILE A 64 -7.13 11.57 -0.56
C ILE A 64 -7.92 10.31 -0.87
N GLN A 65 -7.24 9.31 -1.43
CA GLN A 65 -7.93 8.06 -1.78
C GLN A 65 -8.41 7.34 -0.53
N THR A 66 -7.59 7.33 0.51
CA THR A 66 -8.01 6.71 1.77
C THR A 66 -9.15 7.49 2.41
N ALA A 67 -9.22 8.80 2.20
CA ALA A 67 -10.37 9.55 2.69
C ALA A 67 -11.67 9.05 2.06
N VAL A 68 -11.64 8.68 0.78
CA VAL A 68 -12.83 8.12 0.15
C VAL A 68 -13.17 6.76 0.75
N LEU A 69 -12.15 5.95 1.05
CA LEU A 69 -12.35 4.69 1.76
C LEU A 69 -13.02 4.93 3.13
N ILE A 70 -12.46 5.87 3.90
CA ILE A 70 -13.00 6.13 5.24
C ILE A 70 -14.45 6.56 5.16
N GLU A 71 -14.76 7.47 4.25
CA GLU A 71 -16.13 7.96 4.16
C GLU A 71 -17.07 6.92 3.60
N THR A 72 -16.57 5.93 2.86
CA THR A 72 -17.40 4.80 2.46
C THR A 72 -17.72 3.91 3.65
N LEU A 73 -16.71 3.62 4.48
CA LEU A 73 -16.96 2.83 5.69
C LEU A 73 -18.00 3.51 6.57
N VAL A 74 -17.87 4.83 6.75
CA VAL A 74 -18.80 5.58 7.59
C VAL A 74 -20.19 5.61 6.98
N ALA A 75 -20.26 5.78 5.65
CA ALA A 75 -21.56 5.79 4.98
C ALA A 75 -22.28 4.46 5.16
N LEU A 76 -21.53 3.37 5.32
CA LEU A 76 -22.10 2.06 5.54
C LEU A 76 -22.39 1.78 7.02
N GLY A 77 -22.17 2.77 7.89
CA GLY A 77 -22.55 2.68 9.28
C GLY A 77 -21.42 2.54 10.27
N ALA A 78 -20.18 2.39 9.82
CA ALA A 78 -19.08 2.17 10.74
C ALA A 78 -18.69 3.45 11.48
N GLU A 79 -18.14 3.28 12.67
CA GLU A 79 -17.33 4.30 13.33
C GLU A 79 -15.87 3.90 13.22
N VAL A 80 -15.00 4.86 12.91
CA VAL A 80 -13.60 4.55 12.72
C VAL A 80 -12.73 5.53 13.52
N ARG A 81 -11.50 5.09 13.77
CA ARG A 81 -10.42 5.93 14.25
C ARG A 81 -9.22 5.60 13.39
N TRP A 82 -8.54 6.60 12.86
CA TRP A 82 -7.58 6.37 11.80
C TRP A 82 -6.18 6.90 12.12
N SER A 83 -5.19 6.19 11.59
CA SER A 83 -3.80 6.66 11.59
C SER A 83 -3.18 6.26 10.27
N SER A 84 -2.06 6.88 9.95
CA SER A 84 -1.30 6.48 8.77
C SER A 84 -0.34 5.36 9.13
N CYS A 85 0.02 4.53 8.13
CA CYS A 85 1.01 3.48 8.34
C CYS A 85 2.40 3.90 7.88
N ASN A 86 2.63 5.19 7.62
CA ASN A 86 3.97 5.66 7.29
C ASN A 86 4.11 7.12 7.73
N ILE A 87 5.30 7.47 8.24
CA ILE A 87 5.52 8.82 8.76
C ILE A 87 5.46 9.90 7.68
N PHE A 88 5.63 9.55 6.41
CA PHE A 88 5.64 10.55 5.35
C PHE A 88 4.46 10.45 4.38
N SER A 89 3.58 9.46 4.53
CA SER A 89 2.60 9.22 3.48
C SER A 89 1.32 10.04 3.62
N THR A 90 1.08 10.67 4.77
CA THR A 90 -0.14 11.45 4.91
C THR A 90 -0.15 12.63 3.95
N GLN A 91 -1.30 12.89 3.36
CA GLN A 91 -1.60 14.14 2.69
C GLN A 91 -2.37 14.99 3.69
N ASP A 92 -1.75 16.07 4.15
CA ASP A 92 -2.34 16.82 5.25
C ASP A 92 -3.74 17.32 4.92
N HIS A 93 -3.97 17.72 3.66
CA HIS A 93 -5.30 18.25 3.35
C HIS A 93 -6.35 17.13 3.31
N ALA A 94 -5.93 15.90 3.02
CA ALA A 94 -6.87 14.79 3.16
C ALA A 94 -7.19 14.52 4.62
N ALA A 95 -6.16 14.52 5.49
CA ALA A 95 -6.41 14.31 6.91
C ALA A 95 -7.32 15.39 7.48
N SER A 96 -7.13 16.63 7.05
CA SER A 96 -7.96 17.72 7.56
C SER A 96 -9.40 17.57 7.11
N ALA A 97 -9.63 17.15 5.87
CA ALA A 97 -11.00 16.94 5.42
C ALA A 97 -11.71 15.90 6.28
N ILE A 98 -11.00 14.82 6.63
CA ILE A 98 -11.57 13.79 7.48
C ILE A 98 -11.81 14.33 8.89
N ALA A 99 -10.83 15.06 9.44
CA ALA A 99 -10.99 15.61 10.78
C ALA A 99 -12.16 16.60 10.85
N ALA A 100 -12.34 17.37 9.78
CA ALA A 100 -13.43 18.35 9.76
C ALA A 100 -14.79 17.69 9.76
N LYS A 101 -14.88 16.45 9.27
CA LYS A 101 -16.13 15.68 9.32
C LYS A 101 -16.41 15.15 10.71
N GLY A 102 -15.50 15.37 11.67
CA GLY A 102 -15.67 14.80 12.99
C GLY A 102 -15.23 13.37 13.11
N ILE A 103 -14.45 12.87 12.15
CA ILE A 103 -13.94 11.50 12.19
C ILE A 103 -12.58 11.55 12.88
N PRO A 104 -12.34 10.74 13.91
CA PRO A 104 -11.04 10.80 14.60
C PRO A 104 -9.92 10.30 13.70
N VAL A 105 -8.96 11.17 13.44
CA VAL A 105 -7.82 10.87 12.59
C VAL A 105 -6.59 11.47 13.25
N PHE A 106 -5.49 10.71 13.27
CA PHE A 106 -4.26 11.09 13.95
C PHE A 106 -3.15 10.86 12.93
N ALA A 107 -2.81 11.91 12.18
CA ALA A 107 -1.97 11.73 11.00
C ALA A 107 -1.49 13.07 10.43
N TRP A 108 -0.19 13.17 10.17
CA TRP A 108 0.36 14.31 9.44
C TRP A 108 1.61 13.86 8.73
N LYS A 109 1.98 14.61 7.69
CA LYS A 109 3.20 14.30 6.95
C LYS A 109 4.41 14.75 7.76
N GLY A 110 5.39 13.87 7.92
CA GLY A 110 6.58 14.21 8.67
C GLY A 110 6.53 13.89 10.14
N GLU A 111 5.81 12.85 10.53
CA GLU A 111 5.80 12.43 11.93
C GLU A 111 7.18 11.95 12.35
N THR A 112 7.50 12.11 13.62
CA THR A 112 8.59 11.37 14.22
C THR A 112 8.14 9.93 14.50
N GLU A 113 9.10 9.05 14.76
CA GLU A 113 8.72 7.67 15.08
C GLU A 113 7.88 7.61 16.35
N GLU A 114 8.24 8.42 17.36
CA GLU A 114 7.43 8.45 18.58
C GLU A 114 6.01 8.93 18.27
N GLU A 115 5.88 9.94 17.41
CA GLU A 115 4.55 10.42 17.05
C GLU A 115 3.79 9.36 16.27
N TYR A 116 4.48 8.65 15.37
CA TYR A 116 3.85 7.59 14.59
C TYR A 116 3.15 6.58 15.49
N TRP A 117 3.89 6.03 16.47
CA TRP A 117 3.29 5.00 17.32
C TRP A 117 2.24 5.59 18.25
N TRP A 118 2.43 6.84 18.69
CA TRP A 118 1.38 7.52 19.43
C TRP A 118 0.09 7.58 18.61
N CYS A 119 0.20 7.90 17.32
CA CYS A 119 -0.98 7.97 16.46
C CYS A 119 -1.69 6.62 16.38
N VAL A 120 -0.93 5.53 16.18
CA VAL A 120 -1.54 4.20 16.17
C VAL A 120 -2.28 3.96 17.48
N GLU A 121 -1.63 4.30 18.61
CA GLU A 121 -2.23 4.05 19.91
C GLU A 121 -3.56 4.80 20.07
N GLN A 122 -3.67 6.01 19.49
CA GLN A 122 -4.90 6.78 19.63
C GLN A 122 -6.07 6.09 18.97
N THR A 123 -5.80 5.18 18.04
CA THR A 123 -6.83 4.47 17.32
C THR A 123 -7.50 3.39 18.17
N LEU A 124 -6.87 3.00 19.27
CA LEU A 124 -7.31 1.84 20.05
C LEU A 124 -8.24 2.21 21.19
N SER A 125 -8.37 3.50 21.51
CA SER A 125 -9.29 3.90 22.56
C SER A 125 -9.79 5.31 22.24
N GLY A 126 -11.10 5.49 22.33
CA GLY A 126 -11.70 6.78 22.11
C GLY A 126 -12.50 7.24 23.31
N PRO A 127 -13.10 8.41 23.22
CA PRO A 127 -13.93 8.93 24.31
C PRO A 127 -15.09 7.98 24.59
N ASN A 128 -15.54 7.98 25.86
CA ASN A 128 -16.72 7.21 26.28
C ASN A 128 -16.49 5.70 26.12
N GLY A 129 -15.27 5.24 26.41
CA GLY A 129 -15.00 3.82 26.38
C GLY A 129 -15.01 3.18 25.01
N TRP A 130 -14.79 3.96 23.95
CA TRP A 130 -14.74 3.43 22.60
C TRP A 130 -13.52 2.52 22.44
N THR A 131 -13.76 1.30 21.99
CA THR A 131 -12.69 0.39 21.59
C THR A 131 -13.06 -0.25 20.26
N PRO A 132 -12.08 -0.58 19.42
CA PRO A 132 -12.40 -1.21 18.15
C PRO A 132 -12.86 -2.65 18.33
N ASN A 133 -13.69 -3.12 17.39
CA ASN A 133 -13.95 -4.54 17.23
C ASN A 133 -13.46 -5.05 15.88
N LEU A 134 -12.78 -4.21 15.11
CA LEU A 134 -12.23 -4.55 13.81
C LEU A 134 -10.93 -3.79 13.61
N LEU A 135 -9.98 -4.42 12.91
CA LEU A 135 -8.74 -3.76 12.52
C LEU A 135 -8.62 -3.76 11.01
N LEU A 136 -8.14 -2.62 10.48
CA LEU A 136 -7.84 -2.48 9.05
C LEU A 136 -6.40 -2.01 8.97
N ASP A 137 -5.52 -2.85 8.43
CA ASP A 137 -4.09 -2.64 8.59
C ASP A 137 -3.41 -2.66 7.23
N ASP A 138 -2.28 -1.95 7.15
CA ASP A 138 -1.46 -1.87 5.93
C ASP A 138 -0.01 -1.94 6.41
N GLY A 139 0.53 -3.16 6.42
CA GLY A 139 1.91 -3.37 6.81
C GLY A 139 2.10 -4.15 8.10
N GLY A 140 1.05 -4.33 8.90
CA GLY A 140 1.13 -5.14 10.10
C GLY A 140 1.47 -4.41 11.39
N ASP A 141 1.70 -3.10 11.36
CA ASP A 141 2.08 -2.39 12.58
C ASP A 141 0.92 -2.34 13.58
N LEU A 142 -0.30 -2.05 13.11
CA LEU A 142 -1.44 -2.04 14.02
C LEU A 142 -1.70 -3.43 14.59
N THR A 143 -1.62 -4.45 13.74
CA THR A 143 -1.76 -5.82 14.18
C THR A 143 -0.71 -6.16 15.24
N GLN A 144 0.52 -5.66 15.06
CA GLN A 144 1.59 -5.91 16.04
C GLN A 144 1.27 -5.26 17.38
N VAL A 145 0.91 -3.97 17.34
CA VAL A 145 0.64 -3.23 18.57
C VAL A 145 -0.44 -3.92 19.39
N VAL A 146 -1.52 -4.36 18.73
CA VAL A 146 -2.62 -4.97 19.47
C VAL A 146 -2.19 -6.30 20.07
N HIS A 147 -1.53 -7.15 19.27
CA HIS A 147 -1.12 -8.47 19.76
C HIS A 147 -0.07 -8.35 20.86
N GLN A 148 0.90 -7.45 20.71
CA GLN A 148 2.04 -7.42 21.61
C GLN A 148 1.86 -6.49 22.81
N LYS A 149 1.00 -5.47 22.69
CA LYS A 149 0.84 -4.49 23.75
C LYS A 149 -0.56 -4.43 24.36
N HIS A 150 -1.58 -4.94 23.68
CA HIS A 150 -2.97 -4.84 24.15
C HIS A 150 -3.70 -6.17 24.00
N PRO A 151 -3.19 -7.24 24.61
CA PRO A 151 -3.85 -8.54 24.46
C PRO A 151 -5.29 -8.57 24.97
N LYS A 152 -5.65 -7.68 25.89
CA LYS A 152 -7.03 -7.61 26.35
C LYS A 152 -7.99 -7.16 25.25
N LEU A 153 -7.50 -6.32 24.32
CA LEU A 153 -8.33 -5.87 23.21
C LEU A 153 -8.64 -7.01 22.23
N LEU A 154 -7.72 -7.97 22.12
CA LEU A 154 -7.85 -9.03 21.12
C LEU A 154 -9.17 -9.78 21.23
N THR A 155 -9.64 -10.03 22.45
CA THR A 155 -10.87 -10.79 22.63
C THR A 155 -12.03 -10.16 21.90
N ALA A 156 -12.09 -8.83 21.90
CA ALA A 156 -13.19 -8.11 21.27
C ALA A 156 -12.97 -7.83 19.79
N ILE A 157 -11.79 -8.15 19.24
CA ILE A 157 -11.50 -7.90 17.83
C ILE A 157 -12.02 -9.06 17.00
N LYS A 158 -12.95 -8.78 16.09
CA LYS A 158 -13.49 -9.83 15.24
C LYS A 158 -12.49 -10.30 14.19
N GLY A 159 -11.62 -9.41 13.73
CA GLY A 159 -10.61 -9.79 12.75
C GLY A 159 -9.90 -8.57 12.21
N VAL A 160 -8.90 -8.84 11.37
CA VAL A 160 -8.13 -7.80 10.70
C VAL A 160 -8.17 -8.08 9.20
N SER A 161 -8.29 -7.01 8.40
CA SER A 161 -8.06 -7.10 6.96
C SER A 161 -6.77 -6.37 6.63
N GLU A 162 -5.89 -7.03 5.89
CA GLU A 162 -4.51 -6.57 5.69
C GLU A 162 -4.26 -6.24 4.23
N GLU A 163 -3.71 -5.04 3.99
CA GLU A 163 -3.62 -4.44 2.65
C GLU A 163 -2.43 -4.94 1.84
N THR A 164 -1.27 -5.20 2.43
CA THR A 164 -0.05 -5.25 1.63
C THR A 164 0.77 -6.51 1.88
N THR A 165 1.64 -6.80 0.90
CA THR A 165 2.40 -8.04 0.88
C THR A 165 3.19 -8.24 2.18
N THR A 166 3.88 -7.19 2.64
CA THR A 166 4.68 -7.31 3.87
C THR A 166 3.81 -7.60 5.08
N GLY A 167 2.64 -6.98 5.17
CA GLY A 167 1.73 -7.28 6.28
C GLY A 167 1.28 -8.72 6.28
N VAL A 168 1.01 -9.27 5.08
CA VAL A 168 0.59 -10.66 4.98
C VAL A 168 1.72 -11.59 5.36
N ALA A 169 2.95 -11.26 4.92
CA ALA A 169 4.11 -12.06 5.33
C ALA A 169 4.21 -12.11 6.85
N ARG A 170 3.99 -10.98 7.51
CA ARG A 170 4.02 -10.96 8.96
C ARG A 170 2.90 -11.81 9.56
N LEU A 171 1.71 -11.82 8.93
CA LEU A 171 0.62 -12.66 9.43
C LEU A 171 0.95 -14.15 9.29
N TYR A 172 1.50 -14.54 8.13
CA TYR A 172 1.89 -15.93 7.92
C TYR A 172 2.85 -16.39 9.01
N GLU A 173 3.85 -15.57 9.34
CA GLU A 173 4.81 -15.98 10.34
C GLU A 173 4.16 -16.03 11.73
N MET A 174 3.25 -15.10 12.03
CA MET A 174 2.53 -15.20 13.29
C MET A 174 1.73 -16.50 13.36
N ALA A 175 0.99 -16.81 12.29
CA ALA A 175 0.17 -18.02 12.29
C ALA A 175 1.03 -19.28 12.44
N LYS A 176 2.15 -19.34 11.73
CA LYS A 176 3.05 -20.49 11.82
C LYS A 176 3.50 -20.74 13.26
N HIS A 177 3.68 -19.66 14.04
CA HIS A 177 4.19 -19.79 15.40
C HIS A 177 3.11 -19.70 16.45
N GLY A 178 1.84 -19.77 16.06
CA GLY A 178 0.75 -19.70 17.01
C GLY A 178 0.54 -18.35 17.65
N GLN A 179 1.02 -17.28 17.02
CA GLN A 179 0.90 -15.93 17.57
C GLN A 179 -0.34 -15.19 17.08
N LEU A 180 -0.98 -15.67 16.02
CA LEU A 180 -2.14 -14.99 15.46
C LEU A 180 -3.39 -15.36 16.26
N LYS A 181 -4.02 -14.36 16.88
CA LYS A 181 -5.12 -14.62 17.81
C LYS A 181 -6.46 -14.10 17.29
N ILE A 182 -6.52 -13.68 16.03
CA ILE A 182 -7.76 -13.23 15.38
C ILE A 182 -7.75 -13.73 13.93
N PRO A 183 -8.94 -13.85 13.32
CA PRO A 183 -8.97 -14.11 11.87
C PRO A 183 -8.38 -12.95 11.09
N ALA A 184 -7.78 -13.26 9.94
CA ALA A 184 -7.21 -12.24 9.08
C ALA A 184 -7.66 -12.48 7.65
N ILE A 185 -8.12 -11.41 6.99
CA ILE A 185 -8.43 -11.46 5.57
C ILE A 185 -7.29 -10.80 4.82
N ASN A 186 -6.67 -11.57 3.93
CA ASN A 186 -5.57 -11.10 3.10
C ASN A 186 -6.19 -10.37 1.91
N VAL A 187 -6.23 -9.05 1.99
CA VAL A 187 -6.73 -8.23 0.89
C VAL A 187 -5.68 -8.08 -0.21
N ASN A 188 -4.40 -8.07 0.15
CA ASN A 188 -3.37 -7.96 -0.87
C ASN A 188 -3.58 -8.96 -2.01
N ASN A 189 -3.97 -10.18 -1.68
CA ASN A 189 -4.03 -11.22 -2.69
C ASN A 189 -5.42 -11.44 -3.26
N ALA A 190 -6.32 -10.48 -3.12
CA ALA A 190 -7.36 -10.38 -4.13
C ALA A 190 -6.68 -10.12 -5.47
N VAL A 191 -7.15 -10.77 -6.55
CA VAL A 191 -6.54 -10.50 -7.85
C VAL A 191 -6.66 -9.02 -8.18
N THR A 192 -7.81 -8.43 -7.87
CA THR A 192 -8.06 -7.02 -8.19
C THR A 192 -7.34 -6.07 -7.25
N LYS A 193 -6.50 -6.59 -6.37
CA LYS A 193 -5.55 -5.78 -5.61
C LYS A 193 -4.14 -6.04 -6.12
N SER A 194 -3.60 -7.24 -5.87
CA SER A 194 -2.20 -7.53 -6.18
C SER A 194 -1.83 -7.26 -7.64
N LYS A 195 -2.70 -7.67 -8.58
CA LYS A 195 -2.38 -7.56 -10.00
C LYS A 195 -2.73 -6.20 -10.59
N PHE A 196 -3.18 -5.25 -9.75
CA PHE A 196 -3.59 -3.94 -10.25
C PHE A 196 -2.88 -2.84 -9.50
N ASP A 197 -3.23 -2.65 -8.23
CA ASP A 197 -2.52 -1.72 -7.34
C ASP A 197 -1.00 -1.94 -7.37
N ASN A 198 -0.55 -3.13 -6.99
CA ASN A 198 0.89 -3.34 -6.82
C ASN A 198 1.64 -3.13 -8.14
N LEU A 199 1.01 -3.54 -9.25
CA LEU A 199 1.64 -3.52 -10.58
C LEU A 199 1.41 -2.20 -11.31
N TYR A 200 0.16 -1.92 -11.68
CA TYR A 200 -0.14 -0.72 -12.46
C TYR A 200 -0.04 0.55 -11.61
N GLY A 201 -0.37 0.45 -10.32
CA GLY A 201 -0.19 1.60 -9.46
C GLY A 201 1.26 2.04 -9.40
N CYS A 202 2.16 1.11 -9.08
CA CYS A 202 3.58 1.48 -9.00
C CYS A 202 4.14 1.85 -10.37
N ARG A 203 3.60 1.27 -11.45
CA ARG A 203 4.04 1.65 -12.79
C ARG A 203 3.89 3.15 -13.01
N GLU A 204 2.92 3.77 -12.35
CA GLU A 204 2.75 5.22 -12.44
C GLU A 204 3.38 5.96 -11.28
N SER A 205 3.26 5.44 -10.07
CA SER A 205 3.63 6.26 -8.90
C SER A 205 5.12 6.21 -8.55
N LEU A 206 5.88 5.21 -9.01
CA LEU A 206 7.34 5.30 -8.87
C LEU A 206 7.88 6.49 -9.65
N LEU A 207 7.47 6.62 -10.92
CA LEU A 207 7.89 7.76 -11.73
C LEU A 207 7.50 9.07 -11.08
N ASP A 208 6.28 9.13 -10.54
CA ASP A 208 5.81 10.32 -9.85
C ASP A 208 6.78 10.73 -8.74
N GLY A 209 7.12 9.77 -7.88
CA GLY A 209 8.06 10.08 -6.80
C GLY A 209 9.42 10.53 -7.29
N LEU A 210 9.96 9.82 -8.29
CA LEU A 210 11.29 10.17 -8.81
C LEU A 210 11.28 11.56 -9.44
N LYS A 211 10.25 11.87 -10.23
CA LYS A 211 10.21 13.12 -10.96
C LYS A 211 9.96 14.31 -10.03
N ARG A 212 9.10 14.14 -9.03
CA ARG A 212 8.90 15.25 -8.11
C ARG A 212 10.14 15.53 -7.28
N ALA A 213 10.91 14.48 -6.96
CA ALA A 213 12.04 14.64 -6.05
C ALA A 213 13.24 15.31 -6.73
N THR A 214 13.54 14.93 -7.98
CA THR A 214 14.75 15.42 -8.66
C THR A 214 14.46 15.78 -10.10
N ASP A 215 15.37 16.50 -10.73
CA ASP A 215 15.24 16.73 -12.17
C ASP A 215 16.12 15.78 -12.97
N VAL A 216 16.24 14.55 -12.47
CA VAL A 216 16.98 13.52 -13.16
C VAL A 216 16.14 12.97 -14.30
N MET A 217 16.75 12.89 -15.46
CA MET A 217 16.13 12.26 -16.61
C MET A 217 16.18 10.75 -16.44
N ILE A 218 15.11 10.05 -16.85
CA ILE A 218 15.13 8.59 -16.84
C ILE A 218 15.85 8.05 -18.07
N ALA A 219 15.56 8.63 -19.24
CA ALA A 219 16.11 8.14 -20.50
C ALA A 219 17.63 8.08 -20.46
N GLY A 220 18.19 6.95 -20.90
CA GLY A 220 19.63 6.77 -20.93
C GLY A 220 20.26 6.32 -19.64
N LYS A 221 19.53 6.37 -18.52
CA LYS A 221 20.09 5.94 -17.24
C LYS A 221 20.10 4.42 -17.13
N VAL A 222 21.00 3.92 -16.29
CA VAL A 222 20.98 2.52 -15.90
C VAL A 222 20.28 2.43 -14.54
N ALA A 223 19.13 1.76 -14.51
CA ALA A 223 18.32 1.68 -13.29
C ALA A 223 18.28 0.23 -12.84
N LEU A 224 18.50 0.00 -11.55
CA LEU A 224 18.45 -1.34 -10.97
C LEU A 224 17.22 -1.45 -10.07
N ILE A 225 16.37 -2.43 -10.35
CA ILE A 225 15.22 -2.75 -9.51
C ILE A 225 15.55 -4.00 -8.72
N LEU A 226 15.52 -3.92 -7.38
CA LEU A 226 15.73 -5.11 -6.55
C LEU A 226 14.36 -5.71 -6.24
N GLY A 227 14.12 -6.92 -6.74
CA GLY A 227 12.83 -7.57 -6.59
C GLY A 227 11.98 -7.46 -7.85
N TYR A 228 11.45 -8.58 -8.31
CA TYR A 228 10.64 -8.63 -9.53
C TYR A 228 9.33 -9.36 -9.25
N GLY A 229 8.72 -9.03 -8.11
CA GLY A 229 7.34 -9.39 -7.82
C GLY A 229 6.39 -8.39 -8.44
N ASP A 230 5.22 -8.25 -7.84
CA ASP A 230 4.23 -7.39 -8.48
C ASP A 230 4.69 -5.94 -8.55
N VAL A 231 5.29 -5.43 -7.46
CA VAL A 231 5.77 -4.05 -7.46
C VAL A 231 6.94 -3.88 -8.43
N GLY A 232 7.95 -4.75 -8.32
CA GLY A 232 9.11 -4.63 -9.19
C GLY A 232 8.76 -4.73 -10.66
N LYS A 233 7.80 -5.60 -10.99
CA LYS A 233 7.36 -5.71 -12.38
C LYS A 233 6.82 -4.38 -12.89
N GLY A 234 6.01 -3.70 -12.05
CA GLY A 234 5.46 -2.42 -12.47
C GLY A 234 6.54 -1.36 -12.57
N CYS A 235 7.48 -1.35 -11.63
CA CYS A 235 8.59 -0.40 -11.67
C CYS A 235 9.43 -0.58 -12.92
N ALA A 236 9.71 -1.84 -13.28
CA ALA A 236 10.56 -2.10 -14.45
C ALA A 236 9.87 -1.60 -15.72
N GLN A 237 8.58 -1.88 -15.87
CA GLN A 237 7.86 -1.41 -17.06
C GLN A 237 7.89 0.12 -17.12
N ALA A 238 7.72 0.77 -15.97
CA ALA A 238 7.71 2.23 -15.91
C ALA A 238 9.01 2.81 -16.45
N LEU A 239 10.14 2.33 -15.93
CA LEU A 239 11.41 2.93 -16.31
C LEU A 239 11.81 2.54 -17.73
N ARG A 240 11.51 1.30 -18.12
CA ARG A 240 11.86 0.86 -19.48
C ARG A 240 11.12 1.70 -20.51
N GLY A 241 9.87 2.03 -20.23
CA GLY A 241 9.08 2.83 -21.16
C GLY A 241 9.62 4.24 -21.31
N GLN A 242 10.29 4.74 -20.29
CA GLN A 242 10.87 6.09 -20.31
C GLN A 242 12.31 6.10 -20.81
N GLY A 243 12.82 4.97 -21.30
CA GLY A 243 14.13 4.95 -21.94
C GLY A 243 15.30 4.55 -21.06
N ALA A 244 15.06 4.04 -19.85
CA ALA A 244 16.17 3.54 -19.06
C ALA A 244 16.58 2.15 -19.51
N THR A 245 17.87 1.83 -19.33
CA THR A 245 18.31 0.44 -19.32
C THR A 245 17.98 -0.11 -17.95
N VAL A 246 17.15 -1.16 -17.90
CA VAL A 246 16.64 -1.68 -16.63
C VAL A 246 17.34 -2.99 -16.31
N LEU A 247 17.97 -3.02 -15.14
CA LEU A 247 18.55 -4.22 -14.55
C LEU A 247 17.64 -4.70 -13.42
N VAL A 248 17.61 -6.01 -13.20
CA VAL A 248 16.76 -6.61 -12.17
C VAL A 248 17.58 -7.55 -11.32
N ALA A 249 17.41 -7.48 -10.00
CA ALA A 249 17.97 -8.50 -9.10
C ALA A 249 16.83 -9.34 -8.53
N GLU A 250 17.08 -10.64 -8.37
CA GLU A 250 16.07 -11.53 -7.82
C GLU A 250 16.71 -12.68 -7.07
N ILE A 251 16.03 -13.15 -6.03
CA ILE A 251 16.39 -14.40 -5.35
C ILE A 251 15.54 -15.56 -5.84
N ASP A 252 14.43 -15.30 -6.52
CA ASP A 252 13.48 -16.33 -6.91
C ASP A 252 13.73 -16.67 -8.36
N PRO A 253 14.07 -17.93 -8.68
CA PRO A 253 14.44 -18.24 -10.07
C PRO A 253 13.28 -18.09 -11.04
N ILE A 254 12.03 -18.27 -10.60
CA ILE A 254 10.90 -18.09 -11.50
C ILE A 254 10.74 -16.62 -11.84
N CYS A 255 10.77 -15.74 -10.84
CA CYS A 255 10.69 -14.31 -11.12
C CYS A 255 11.88 -13.83 -11.93
N ALA A 256 13.09 -14.34 -11.63
CA ALA A 256 14.24 -13.99 -12.45
C ALA A 256 14.04 -14.37 -13.90
N LEU A 257 13.49 -15.56 -14.15
CA LEU A 257 13.27 -16.00 -15.53
C LEU A 257 12.23 -15.12 -16.22
N GLN A 258 11.20 -14.69 -15.49
CA GLN A 258 10.25 -13.73 -16.05
C GLN A 258 10.95 -12.46 -16.49
N ALA A 259 11.79 -11.89 -15.61
CA ALA A 259 12.47 -10.65 -15.96
C ALA A 259 13.35 -10.84 -17.20
N ALA A 260 14.06 -11.96 -17.27
CA ALA A 260 14.94 -12.20 -18.42
C ALA A 260 14.14 -12.29 -19.70
N MET A 261 12.96 -12.91 -19.64
CA MET A 261 12.14 -13.06 -20.83
C MET A 261 11.48 -11.76 -21.26
N GLU A 262 11.51 -10.71 -20.42
CA GLU A 262 11.09 -9.39 -20.83
C GLU A 262 12.25 -8.53 -21.31
N GLY A 263 13.45 -9.09 -21.37
CA GLY A 263 14.62 -8.42 -21.89
C GLY A 263 15.50 -7.74 -20.87
N TYR A 264 15.20 -7.89 -19.58
CA TYR A 264 16.05 -7.29 -18.55
C TYR A 264 17.19 -8.22 -18.20
N ARG A 265 18.39 -7.64 -18.08
CA ARG A 265 19.50 -8.43 -17.56
C ARG A 265 19.31 -8.62 -16.07
N VAL A 266 19.47 -9.85 -15.60
CA VAL A 266 19.29 -10.19 -14.19
C VAL A 266 20.67 -10.29 -13.57
N VAL A 267 20.93 -9.43 -12.58
CA VAL A 267 22.26 -9.18 -12.03
C VAL A 267 22.15 -9.09 -10.51
N THR A 268 23.31 -9.04 -9.85
CA THR A 268 23.36 -8.78 -8.42
C THR A 268 23.88 -7.39 -8.13
N LEU A 269 23.34 -6.77 -7.07
CA LEU A 269 23.86 -5.46 -6.67
C LEU A 269 25.32 -5.58 -6.23
N ASP A 270 25.69 -6.73 -5.64
CA ASP A 270 27.10 -6.96 -5.31
C ASP A 270 28.01 -6.75 -6.52
N ASP A 271 27.52 -7.11 -7.72
CA ASP A 271 28.32 -6.97 -8.92
C ASP A 271 28.25 -5.56 -9.53
N VAL A 272 27.06 -4.93 -9.53
CA VAL A 272 26.83 -3.78 -10.40
C VAL A 272 26.76 -2.45 -9.65
N ALA A 273 27.11 -2.41 -8.36
CA ALA A 273 26.87 -1.19 -7.58
C ALA A 273 27.48 0.06 -8.22
N GLU A 274 28.67 -0.05 -8.82
CA GLU A 274 29.34 1.10 -9.43
C GLU A 274 28.75 1.51 -10.76
N GLN A 275 27.88 0.69 -11.35
CA GLN A 275 27.40 0.89 -12.70
C GLN A 275 26.02 1.54 -12.78
N VAL A 276 25.35 1.76 -11.66
CA VAL A 276 23.93 2.12 -11.71
C VAL A 276 23.76 3.61 -11.40
N ASP A 277 22.76 4.20 -12.06
CA ASP A 277 22.40 5.59 -11.83
C ASP A 277 21.25 5.75 -10.83
N ILE A 278 20.38 4.76 -10.77
CA ILE A 278 19.18 4.78 -9.95
C ILE A 278 19.02 3.38 -9.37
N VAL A 279 18.74 3.29 -8.08
CA VAL A 279 18.47 2.02 -7.42
C VAL A 279 17.10 2.12 -6.75
N VAL A 280 16.24 1.14 -7.02
CA VAL A 280 14.90 1.05 -6.44
C VAL A 280 14.77 -0.29 -5.70
N THR A 281 14.57 -0.25 -4.39
CA THR A 281 14.35 -1.50 -3.64
C THR A 281 12.87 -1.83 -3.61
N ALA A 282 12.52 -3.05 -4.04
CA ALA A 282 11.13 -3.50 -4.13
C ALA A 282 11.02 -4.93 -3.65
N THR A 283 11.77 -5.28 -2.60
CA THR A 283 11.90 -6.68 -2.18
C THR A 283 11.02 -7.07 -1.01
N GLY A 284 10.57 -6.12 -0.20
CA GLY A 284 9.97 -6.50 1.08
C GLY A 284 10.93 -7.17 2.04
N ASN A 285 12.24 -7.06 1.81
CA ASN A 285 13.22 -7.79 2.61
C ASN A 285 14.10 -6.80 3.39
N TYR A 286 15.16 -7.33 4.00
CA TYR A 286 15.92 -6.62 5.01
C TYR A 286 17.34 -6.36 4.52
N HIS A 287 17.74 -5.08 4.54
CA HIS A 287 19.11 -4.67 4.22
C HIS A 287 19.59 -5.25 2.89
N VAL A 288 18.78 -5.05 1.85
CA VAL A 288 19.20 -5.45 0.51
C VAL A 288 20.13 -4.41 -0.10
N VAL A 289 20.18 -3.19 0.46
CA VAL A 289 21.18 -2.19 0.12
C VAL A 289 21.98 -1.92 1.37
N THR A 290 23.27 -2.24 1.34
CA THR A 290 24.15 -2.16 2.50
C THR A 290 25.07 -0.94 2.40
N HIS A 291 25.81 -0.69 3.49
CA HIS A 291 26.77 0.40 3.50
C HIS A 291 27.75 0.29 2.34
N ASP A 292 28.30 -0.91 2.11
CA ASP A 292 29.32 -1.04 1.08
C ASP A 292 28.74 -0.80 -0.30
N HIS A 293 27.49 -1.21 -0.53
CA HIS A 293 26.83 -0.88 -1.79
C HIS A 293 26.80 0.63 -2.00
N MET A 294 26.38 1.36 -0.97
CA MET A 294 26.24 2.81 -1.10
C MET A 294 27.59 3.48 -1.24
N LYS A 295 28.62 2.97 -0.54
CA LYS A 295 29.97 3.50 -0.69
C LYS A 295 30.46 3.38 -2.12
N ARG A 296 30.05 2.32 -2.83
CA ARG A 296 30.49 2.06 -4.20
C ARG A 296 29.68 2.81 -5.25
N MET A 297 28.57 3.46 -4.89
CA MET A 297 27.68 4.07 -5.86
C MET A 297 28.32 5.33 -6.43
N ARG A 298 27.94 5.65 -7.68
CA ARG A 298 28.51 6.83 -8.33
C ARG A 298 28.00 8.11 -7.67
N ASN A 299 28.78 9.18 -7.83
CA ASN A 299 28.35 10.50 -7.35
C ASN A 299 26.99 10.87 -7.95
N GLN A 300 26.09 11.35 -7.09
CA GLN A 300 24.72 11.77 -7.40
C GLN A 300 23.81 10.61 -7.81
N ALA A 301 24.22 9.36 -7.56
CA ALA A 301 23.31 8.24 -7.75
C ALA A 301 22.07 8.43 -6.87
N ILE A 302 20.93 7.97 -7.37
CA ILE A 302 19.65 8.12 -6.69
C ILE A 302 19.25 6.79 -6.08
N LEU A 303 18.99 6.79 -4.78
CA LEU A 303 18.61 5.59 -4.05
C LEU A 303 17.24 5.79 -3.44
N CYS A 304 16.33 4.85 -3.69
CA CYS A 304 15.00 4.95 -3.10
C CYS A 304 14.45 3.56 -2.84
N ASN A 305 13.40 3.54 -2.03
CA ASN A 305 12.74 2.32 -1.62
C ASN A 305 11.25 2.46 -1.92
N ILE A 306 10.68 1.46 -2.59
CA ILE A 306 9.24 1.42 -2.82
C ILE A 306 8.59 0.23 -2.12
N GLY A 307 9.37 -0.58 -1.39
CA GLY A 307 8.82 -1.57 -0.49
C GLY A 307 8.28 -0.93 0.78
N HIS A 308 7.59 -1.74 1.58
CA HIS A 308 6.82 -1.18 2.68
C HIS A 308 7.69 -0.50 3.74
N PHE A 309 8.83 -1.09 4.09
CA PHE A 309 9.63 -0.61 5.23
C PHE A 309 10.99 -0.08 4.78
N ASP A 310 11.46 0.98 5.46
CA ASP A 310 12.76 1.57 5.14
C ASP A 310 13.91 0.62 5.45
N SER A 311 13.68 -0.47 6.18
CA SER A 311 14.73 -1.43 6.46
C SER A 311 15.24 -2.18 5.23
N GLU A 312 14.65 -2.00 4.04
CA GLU A 312 15.30 -2.53 2.83
C GLU A 312 16.70 -1.94 2.67
N ILE A 313 16.93 -0.73 3.19
CA ILE A 313 18.22 -0.04 3.11
C ILE A 313 18.79 0.09 4.51
N ASP A 314 20.10 -0.13 4.66
CA ASP A 314 20.73 0.07 5.97
C ASP A 314 21.01 1.57 6.17
N ILE A 315 19.94 2.31 6.45
CA ILE A 315 20.03 3.75 6.63
C ILE A 315 20.91 4.08 7.83
N GLN A 316 20.86 3.24 8.87
CA GLN A 316 21.67 3.46 10.07
C GLN A 316 23.15 3.63 9.76
N SER A 317 23.64 2.90 8.75
CA SER A 317 25.05 2.97 8.43
C SER A 317 25.49 4.34 7.91
N LEU A 318 24.53 5.24 7.62
CA LEU A 318 24.84 6.57 7.13
C LEU A 318 24.77 7.64 8.21
N LYS A 319 24.57 7.25 9.48
CA LYS A 319 24.27 8.20 10.55
C LYS A 319 25.44 9.15 10.86
N GLN A 320 26.67 8.74 10.58
CA GLN A 320 27.80 9.59 10.92
C GLN A 320 28.22 10.49 9.78
N TYR A 321 27.55 10.39 8.63
CA TYR A 321 27.82 11.26 7.50
C TYR A 321 26.94 12.50 7.59
N GLN A 322 27.41 13.58 6.98
CA GLN A 322 26.59 14.78 6.86
C GLN A 322 25.44 14.53 5.88
N TRP A 323 24.22 14.77 6.35
CA TRP A 323 23.03 14.77 5.50
C TRP A 323 22.70 16.23 5.18
N GLU A 324 22.85 16.62 3.93
CA GLU A 324 22.51 17.96 3.49
C GLU A 324 21.16 17.92 2.79
N ASN A 325 20.17 18.58 3.38
CA ASN A 325 18.84 18.57 2.79
C ASN A 325 18.82 19.37 1.49
N ILE A 326 18.16 18.80 0.48
CA ILE A 326 17.93 19.53 -0.77
C ILE A 326 16.59 20.25 -0.75
N LYS A 327 15.53 19.50 -0.43
CA LYS A 327 14.18 20.00 -0.20
C LYS A 327 13.47 18.90 0.61
N PRO A 328 12.24 19.11 1.07
CA PRO A 328 11.58 18.07 1.89
C PRO A 328 11.62 16.70 1.23
N GLN A 329 12.12 15.72 1.99
CA GLN A 329 12.20 14.32 1.61
C GLN A 329 13.21 14.06 0.49
N VAL A 330 14.13 14.99 0.24
CA VAL A 330 15.21 14.78 -0.72
C VAL A 330 16.50 15.22 -0.05
N ASP A 331 17.43 14.29 0.15
CA ASP A 331 18.64 14.59 0.89
C ASP A 331 19.87 14.10 0.15
N HIS A 332 20.95 14.84 0.32
CA HIS A 332 22.29 14.37 -0.02
C HIS A 332 22.91 13.72 1.21
N VAL A 333 23.52 12.56 1.01
CA VAL A 333 24.42 11.97 2.01
C VAL A 333 25.83 12.16 1.48
N ILE A 334 26.67 12.85 2.25
CA ILE A 334 27.99 13.25 1.82
C ILE A 334 29.01 12.30 2.44
N PHE A 335 29.71 11.53 1.61
CA PHE A 335 30.71 10.59 2.08
C PHE A 335 32.05 11.30 2.33
N PRO A 336 32.94 10.66 3.10
CA PRO A 336 34.18 11.35 3.47
C PRO A 336 35.07 11.74 2.30
N ASP A 337 35.00 11.01 1.17
CA ASP A 337 35.77 11.40 0.00
C ASP A 337 35.06 12.45 -0.84
N GLY A 338 33.92 12.96 -0.40
CA GLY A 338 33.21 13.99 -1.11
C GLY A 338 32.11 13.49 -2.03
N LYS A 339 32.07 12.18 -2.31
CA LYS A 339 31.00 11.64 -3.13
C LYS A 339 29.67 11.80 -2.42
N ARG A 340 28.62 12.14 -3.18
CA ARG A 340 27.28 12.31 -2.65
C ARG A 340 26.34 11.30 -3.29
N ILE A 341 25.42 10.76 -2.49
CA ILE A 341 24.27 10.07 -3.05
C ILE A 341 23.01 10.84 -2.68
N ILE A 342 22.00 10.71 -3.53
CA ILE A 342 20.70 11.29 -3.30
C ILE A 342 19.80 10.20 -2.75
N ILE A 343 19.32 10.38 -1.52
CA ILE A 343 18.41 9.43 -0.89
C ILE A 343 17.05 10.09 -0.83
N LEU A 344 16.01 9.34 -1.24
CA LEU A 344 14.66 9.88 -1.26
C LEU A 344 13.87 9.43 -0.03
N ALA A 345 13.24 10.40 0.65
CA ALA A 345 12.34 10.15 1.78
C ALA A 345 13.00 9.31 2.88
N GLU A 346 14.31 9.50 3.09
CA GLU A 346 15.06 8.76 4.11
C GLU A 346 14.85 7.25 4.00
N GLY A 347 14.62 6.76 2.78
CA GLY A 347 14.40 5.35 2.56
C GLY A 347 12.98 4.88 2.79
N ARG A 348 12.06 5.75 3.17
CA ARG A 348 10.66 5.39 3.29
C ARG A 348 10.00 5.35 1.90
N LEU A 349 8.85 4.65 1.83
CA LEU A 349 8.09 4.48 0.58
C LEU A 349 8.15 5.71 -0.32
N VAL A 350 8.79 5.60 -1.49
CA VAL A 350 9.12 6.80 -2.27
C VAL A 350 7.88 7.36 -2.97
N ASN A 351 6.97 6.49 -3.42
CA ASN A 351 5.83 6.99 -4.17
C ASN A 351 4.87 7.75 -3.28
N LEU A 352 4.80 7.41 -2.00
CA LEU A 352 3.96 8.14 -1.05
C LEU A 352 4.72 9.22 -0.30
N GLY A 353 6.05 9.12 -0.20
CA GLY A 353 6.82 10.11 0.54
C GLY A 353 7.24 11.32 -0.28
N CYS A 354 7.56 11.09 -1.55
CA CYS A 354 7.95 12.14 -2.48
C CYS A 354 6.87 12.52 -3.48
N ALA A 355 5.79 11.74 -3.54
CA ALA A 355 4.62 12.07 -4.35
C ALA A 355 3.37 11.73 -3.55
N THR A 356 2.27 11.37 -4.22
CA THR A 356 0.98 11.20 -3.56
C THR A 356 0.46 9.74 -3.60
N GLY A 357 1.34 8.77 -3.87
CA GLY A 357 0.88 7.38 -3.95
C GLY A 357 0.13 7.10 -5.25
N HIS A 358 -0.53 5.93 -5.30
CA HIS A 358 -1.22 5.51 -6.52
C HIS A 358 -2.39 6.43 -6.84
N PRO A 359 -2.74 6.52 -8.12
CA PRO A 359 -3.91 7.29 -8.50
C PRO A 359 -5.18 6.61 -8.04
N SER A 360 -6.24 7.40 -8.09
CA SER A 360 -7.49 7.04 -7.44
C SER A 360 -8.08 5.77 -8.04
N PHE A 361 -8.03 5.61 -9.36
CA PHE A 361 -8.78 4.52 -9.99
C PHE A 361 -8.32 3.16 -9.46
N VAL A 362 -7.00 2.94 -9.42
CA VAL A 362 -6.55 1.64 -8.96
C VAL A 362 -6.73 1.51 -7.43
N MET A 363 -6.62 2.61 -6.67
CA MET A 363 -6.89 2.53 -5.25
C MET A 363 -8.34 2.15 -4.96
N SER A 364 -9.25 2.54 -5.86
CA SER A 364 -10.64 2.12 -5.71
C SER A 364 -10.77 0.61 -5.73
N ALA A 365 -10.01 -0.06 -6.61
CA ALA A 365 -10.08 -1.51 -6.67
C ALA A 365 -9.57 -2.12 -5.37
N SER A 366 -8.44 -1.62 -4.88
CA SER A 366 -7.92 -2.12 -3.60
C SER A 366 -8.90 -1.87 -2.48
N PHE A 367 -9.44 -0.66 -2.40
CA PHE A 367 -10.24 -0.28 -1.25
C PHE A 367 -11.65 -0.86 -1.31
N THR A 368 -12.17 -1.17 -2.51
CA THR A 368 -13.41 -1.92 -2.59
C THR A 368 -13.25 -3.30 -1.95
N ASN A 369 -12.10 -3.94 -2.20
CA ASN A 369 -11.80 -5.19 -1.50
C ASN A 369 -11.76 -5.00 0.01
N GLN A 370 -11.18 -3.89 0.49
CA GLN A 370 -11.12 -3.64 1.93
C GLN A 370 -12.53 -3.54 2.52
N VAL A 371 -13.42 -2.80 1.87
CA VAL A 371 -14.77 -2.64 2.40
C VAL A 371 -15.47 -3.98 2.45
N LEU A 372 -15.36 -4.77 1.37
CA LEU A 372 -15.98 -6.09 1.36
C LEU A 372 -15.42 -6.98 2.46
N ALA A 373 -14.11 -6.88 2.72
CA ALA A 373 -13.50 -7.69 3.78
C ALA A 373 -14.03 -7.28 5.15
N GLN A 374 -14.21 -5.98 5.38
CA GLN A 374 -14.74 -5.52 6.67
C GLN A 374 -16.19 -5.96 6.85
N ILE A 375 -17.00 -5.90 5.79
CA ILE A 375 -18.36 -6.42 5.90
C ILE A 375 -18.34 -7.90 6.25
N GLU A 376 -17.47 -8.67 5.59
CA GLU A 376 -17.43 -10.11 5.83
C GLU A 376 -16.97 -10.42 7.26
N LEU A 377 -15.96 -9.71 7.75
CA LEU A 377 -15.51 -9.94 9.12
C LEU A 377 -16.57 -9.50 10.13
N PHE A 378 -17.16 -8.32 9.92
CA PHE A 378 -18.14 -7.84 10.89
C PHE A 378 -19.33 -8.78 10.99
N GLN A 379 -19.77 -9.34 9.86
CA GLN A 379 -20.96 -10.18 9.87
C GLN A 379 -20.64 -11.62 10.22
N ASN A 380 -19.52 -12.15 9.73
CA ASN A 380 -19.31 -13.60 9.71
C ASN A 380 -18.02 -14.05 10.36
N SER A 381 -17.37 -13.21 11.19
CA SER A 381 -16.10 -13.60 11.78
C SER A 381 -16.20 -14.89 12.58
N SER A 382 -17.39 -15.23 13.09
CA SER A 382 -17.56 -16.47 13.83
C SER A 382 -17.27 -17.70 12.97
N GLN A 383 -17.37 -17.57 11.65
CA GLN A 383 -17.12 -18.69 10.74
C GLN A 383 -15.63 -18.94 10.50
N TYR A 384 -14.77 -18.08 11.03
CA TYR A 384 -13.34 -18.13 10.74
C TYR A 384 -12.55 -18.52 11.97
N GLN A 385 -11.44 -19.21 11.74
CA GLN A 385 -10.47 -19.48 12.78
C GLN A 385 -9.37 -18.42 12.72
N ASN A 386 -8.38 -18.55 13.62
CA ASN A 386 -7.28 -17.60 13.70
C ASN A 386 -6.23 -17.98 12.66
N GLN A 387 -6.60 -17.76 11.39
CA GLN A 387 -5.78 -18.08 10.24
C GLN A 387 -5.94 -16.96 9.22
N VAL A 388 -5.16 -17.03 8.15
CA VAL A 388 -5.22 -16.07 7.06
C VAL A 388 -6.13 -16.62 5.97
N TYR A 389 -7.08 -15.79 5.51
CA TYR A 389 -8.05 -16.16 4.49
C TYR A 389 -8.05 -15.13 3.36
N VAL A 390 -8.56 -15.53 2.20
CA VAL A 390 -8.83 -14.58 1.12
C VAL A 390 -10.32 -14.59 0.83
N LEU A 391 -10.80 -13.48 0.26
CA LEU A 391 -12.18 -13.39 -0.17
C LEU A 391 -12.42 -14.30 -1.38
N PRO A 392 -13.65 -14.79 -1.56
CA PRO A 392 -13.95 -15.67 -2.69
C PRO A 392 -13.84 -14.98 -4.03
N LYS A 393 -13.64 -15.80 -5.06
CA LYS A 393 -13.45 -15.29 -6.42
C LYS A 393 -14.65 -14.49 -6.92
N VAL A 394 -15.89 -14.85 -6.53
CA VAL A 394 -17.03 -14.10 -7.05
C VAL A 394 -16.98 -12.65 -6.59
N LEU A 395 -16.41 -12.39 -5.41
CA LEU A 395 -16.27 -11.00 -4.96
C LEU A 395 -15.13 -10.30 -5.68
N ASP A 396 -14.03 -11.03 -5.93
CA ASP A 396 -12.95 -10.51 -6.76
C ASP A 396 -13.48 -10.08 -8.12
N GLU A 397 -14.29 -10.94 -8.74
CA GLU A 397 -14.87 -10.61 -10.05
C GLU A 397 -15.81 -9.42 -9.93
N LYS A 398 -16.59 -9.35 -8.85
CA LYS A 398 -17.46 -8.20 -8.63
C LYS A 398 -16.66 -6.91 -8.58
N VAL A 399 -15.53 -6.90 -7.86
CA VAL A 399 -14.71 -5.69 -7.83
C VAL A 399 -14.33 -5.28 -9.24
N ALA A 400 -13.87 -6.23 -10.06
CA ALA A 400 -13.48 -5.87 -11.43
C ALA A 400 -14.68 -5.32 -12.20
N ARG A 401 -15.83 -5.99 -12.10
CA ARG A 401 -17.03 -5.54 -12.81
C ARG A 401 -17.35 -4.10 -12.50
N LEU A 402 -17.20 -3.70 -11.24
CA LEU A 402 -17.59 -2.36 -10.83
C LEU A 402 -16.69 -1.28 -11.42
N HIS A 403 -15.52 -1.66 -11.94
CA HIS A 403 -14.58 -0.69 -12.49
C HIS A 403 -14.55 -0.67 -14.01
N LEU A 404 -15.31 -1.54 -14.68
CA LEU A 404 -15.22 -1.61 -16.13
C LEU A 404 -15.89 -0.42 -16.79
N GLY A 405 -17.00 0.07 -16.21
CA GLY A 405 -17.74 1.14 -16.85
C GLY A 405 -16.94 2.41 -16.99
N ARG A 406 -16.18 2.78 -15.95
CA ARG A 406 -15.42 4.03 -15.97
C ARG A 406 -14.46 4.07 -17.15
N ILE A 407 -13.82 2.94 -17.46
CA ILE A 407 -12.82 2.94 -18.53
C ILE A 407 -13.37 2.36 -19.82
N GLY A 408 -14.70 2.21 -19.92
CA GLY A 408 -15.35 1.93 -21.19
C GLY A 408 -15.17 0.53 -21.73
N ALA A 409 -14.95 -0.45 -20.86
CA ALA A 409 -14.76 -1.83 -21.31
C ALA A 409 -16.10 -2.54 -21.36
N LYS A 410 -16.37 -3.22 -22.47
CA LYS A 410 -17.64 -3.90 -22.69
C LYS A 410 -17.41 -5.40 -22.64
N LEU A 411 -18.07 -6.07 -21.71
CA LEU A 411 -17.91 -7.50 -21.51
C LEU A 411 -18.76 -8.28 -22.50
N THR A 412 -18.21 -9.38 -23.00
CA THR A 412 -18.96 -10.36 -23.77
C THR A 412 -19.70 -11.29 -22.81
N GLN A 413 -20.92 -11.70 -23.18
CA GLN A 413 -21.70 -12.62 -22.37
C GLN A 413 -21.63 -14.02 -22.96
N LEU A 414 -21.29 -15.00 -22.12
CA LEU A 414 -21.35 -16.40 -22.56
C LEU A 414 -22.76 -16.82 -22.93
N SER A 415 -22.87 -17.60 -24.00
CA SER A 415 -24.07 -18.38 -24.24
C SER A 415 -24.11 -19.58 -23.31
N ASN A 416 -25.28 -20.23 -23.23
CA ASN A 416 -25.41 -21.45 -22.42
C ASN A 416 -24.39 -22.50 -22.84
N GLU A 417 -24.28 -22.75 -24.15
CA GLU A 417 -23.36 -23.80 -24.60
C GLU A 417 -21.90 -23.43 -24.36
N GLN A 418 -21.56 -22.13 -24.42
CA GLN A 418 -20.18 -21.73 -24.17
C GLN A 418 -19.84 -21.85 -22.69
N ALA A 419 -20.78 -21.50 -21.82
CA ALA A 419 -20.54 -21.68 -20.40
C ALA A 419 -20.36 -23.15 -20.07
N ASP A 420 -21.20 -24.01 -20.66
CA ASP A 420 -21.03 -25.46 -20.46
C ASP A 420 -19.72 -25.95 -21.03
N TYR A 421 -19.30 -25.42 -22.19
CA TYR A 421 -18.12 -25.94 -22.86
C TYR A 421 -16.87 -25.78 -22.01
N ILE A 422 -16.73 -24.64 -21.32
CA ILE A 422 -15.56 -24.42 -20.47
C ILE A 422 -15.83 -24.72 -19.01
N GLY A 423 -17.04 -25.16 -18.66
CA GLY A 423 -17.34 -25.63 -17.31
C GLY A 423 -17.56 -24.54 -16.29
N VAL A 424 -18.23 -23.44 -16.67
CA VAL A 424 -18.47 -22.34 -15.74
C VAL A 424 -19.95 -21.96 -15.77
N ASP A 425 -20.36 -21.28 -14.71
CA ASP A 425 -21.64 -20.60 -14.68
C ASP A 425 -21.54 -19.31 -15.51
N LYS A 426 -22.63 -18.99 -16.23
CA LYS A 426 -22.66 -17.77 -17.04
C LYS A 426 -22.30 -16.52 -16.24
N ASN A 427 -22.63 -16.52 -14.95
CA ASN A 427 -22.37 -15.36 -14.10
C ASN A 427 -21.10 -15.52 -13.28
N GLY A 428 -20.28 -16.52 -13.57
CA GLY A 428 -19.05 -16.73 -12.85
C GLY A 428 -19.24 -17.55 -11.58
N PRO A 429 -18.13 -17.85 -10.88
CA PRO A 429 -16.75 -17.48 -11.22
C PRO A 429 -16.25 -18.15 -12.49
N TYR A 430 -15.33 -17.49 -13.21
CA TYR A 430 -14.96 -17.92 -14.55
C TYR A 430 -13.64 -18.69 -14.61
N LYS A 431 -12.89 -18.73 -13.50
CA LYS A 431 -11.56 -19.32 -13.48
C LYS A 431 -11.44 -20.30 -12.32
N PRO A 432 -10.59 -21.32 -12.46
CA PRO A 432 -10.31 -22.20 -11.32
C PRO A 432 -9.72 -21.42 -10.15
N ASP A 433 -9.86 -22.00 -8.95
CA ASP A 433 -9.49 -21.31 -7.71
C ASP A 433 -8.06 -20.77 -7.75
N HIS A 434 -7.13 -21.52 -8.33
CA HIS A 434 -5.72 -21.15 -8.29
C HIS A 434 -5.23 -20.57 -9.62
N TYR A 435 -6.14 -20.13 -10.47
CA TYR A 435 -5.75 -19.45 -11.70
C TYR A 435 -4.93 -18.21 -11.35
N ARG A 436 -3.90 -17.92 -12.16
CA ARG A 436 -2.93 -16.91 -11.79
C ARG A 436 -3.10 -15.58 -12.54
N TYR A 437 -3.96 -15.52 -13.55
CA TYR A 437 -4.17 -14.31 -14.36
C TYR A 437 -2.86 -13.76 -14.92
PA NAD B . 6.37 -9.84 -3.95
O1A NAD B . 6.64 -10.89 -2.93
O2A NAD B . 5.38 -10.10 -5.02
O5B NAD B . 7.74 -9.38 -4.62
C5B NAD B . 8.94 -9.23 -3.85
C4B NAD B . 10.05 -9.89 -4.62
O4B NAD B . 11.32 -9.57 -4.00
C3B NAD B . 9.97 -11.43 -4.67
O3B NAD B . 9.82 -11.90 -6.00
C2B NAD B . 11.28 -11.90 -4.04
O2B NAD B . 11.83 -13.03 -4.69
C1B NAD B . 12.16 -10.67 -4.21
N9A NAD B . 13.26 -10.61 -3.25
C8A NAD B . 13.20 -10.88 -1.91
N7A NAD B . 14.35 -10.72 -1.30
C5A NAD B . 15.21 -10.28 -2.30
C6A NAD B . 16.58 -9.94 -2.30
N6A NAD B . 17.34 -9.97 -1.22
N1A NAD B . 17.12 -9.55 -3.48
C2A NAD B . 16.35 -9.53 -4.57
N3A NAD B . 15.06 -9.84 -4.68
C4A NAD B . 14.55 -10.22 -3.51
O3 NAD B . 5.93 -8.51 -3.22
PN NAD B . 5.32 -7.19 -3.88
O1N NAD B . 3.84 -7.32 -3.95
O2N NAD B . 6.06 -6.89 -5.12
O5D NAD B . 5.66 -6.11 -2.77
C5D NAD B . 7.02 -5.73 -2.52
C4D NAD B . 7.04 -4.74 -1.38
O4D NAD B . 6.36 -3.54 -1.76
C3D NAD B . 6.35 -5.20 -0.09
O3D NAD B . 7.01 -4.63 1.04
C2D NAD B . 4.94 -4.61 -0.23
O2D NAD B . 4.31 -4.49 1.02
C1D NAD B . 5.30 -3.27 -0.86
N1N NAD B . 4.23 -2.60 -1.63
C2N NAD B . 4.36 -1.28 -1.92
C3N NAD B . 3.40 -0.62 -2.68
C7N NAD B . 3.57 0.84 -2.94
O7N NAD B . 2.61 1.52 -3.31
N7N NAD B . 4.77 1.36 -2.76
C4N NAD B . 2.30 -1.34 -3.15
C5N NAD B . 2.19 -2.68 -2.86
C6N NAD B . 3.17 -3.32 -2.11
N9 ADE C . -0.80 3.08 -1.33
C8 ADE C . -0.26 3.43 -2.54
N7 ADE C . -0.81 4.49 -3.08
C5 ADE C . -1.78 4.87 -2.17
C6 ADE C . -2.71 5.94 -2.14
N6 ADE C . -2.83 6.86 -3.13
N1 ADE C . -3.54 6.02 -1.08
C2 ADE C . -3.42 5.10 -0.11
N3 ADE C . -2.58 4.07 -0.02
C4 ADE C . -1.78 4.02 -1.08
S SO4 D . 2.36 -0.28 0.93
O1 SO4 D . 1.53 -1.32 0.31
O2 SO4 D . 1.79 0.13 2.22
O3 SO4 D . 3.72 -0.80 1.16
O4 SO4 D . 2.40 0.85 0.01
S SO4 E . -19.54 -5.66 19.84
O1 SO4 E . -20.14 -6.22 18.64
O2 SO4 E . -19.48 -6.71 20.86
O3 SO4 E . -18.20 -5.18 19.55
O4 SO4 E . -20.36 -4.55 20.33
#